data_9FI9
#
_entry.id   9FI9
#
_cell.length_a   73.6
_cell.length_b   143.714
_cell.length_c   77.238
_cell.angle_alpha   90
_cell.angle_beta   90
_cell.angle_gamma   90
#
_symmetry.space_group_name_H-M   'C 2 2 21'
#
loop_
_entity.id
_entity.type
_entity.pdbx_description
1 polymer 'ATP-dependent DNA helicase PIF1'
2 non-polymer 'PHOSPHOAMINOPHOSPHONIC ACID-ADENYLATE ESTER'
3 non-polymer 'MAGNESIUM ION'
4 non-polymer N-[4-(2-amino-1,3-thiazol-4-yl)phenyl]acetamide
5 non-polymer 'SODIUM ION'
6 water water
#
_entity_poly.entity_id   1
_entity_poly.type   'polypeptide(L)'
_entity_poly.pdbx_seq_one_letter_code
;SRMQLSEEQAAVLRAVLKGQSIFFTGSAGTGKSYLLKRILGSLPPTGTVATASTGVAACHIGGTTLHAFAGIGSGQAPLA
QCVALAQRPGVRQGWLNCQRLVIDEISMVEADLFDKLEAVARAVRQQNKPFGGIQLIICGDFLQLPPVTKGSQPPRFCFQ
SKSWKRCVPVTLELTKVWRQADQTFISLLQAVRLGRCSDEVTRQLQATASHKVGRDGIVATRL(CSO)THQDDVALTNER
RLQELPGKVHRFEAMDSNPELASTLDAQCPVSQLLQLKLGAQVMLVKNLSVSRGLVNGARGVVVGFEAEGRGLPQVRFLC
GVTEVIHADRWTVQATGGQLLSRQQLPLQLAWAMSIHKSQGMTLDCVEISLGRVFASGQAYVALSRARSLQGLRVLDFDP
MAVRCDPRVLHFYATLRRGRSL
;
_entity_poly.pdbx_strand_id   A
#
loop_
_chem_comp.id
_chem_comp.type
_chem_comp.name
_chem_comp.formula
ANP non-polymer 'PHOSPHOAMINOPHOSPHONIC ACID-ADENYLATE ESTER' 'C10 H17 N6 O12 P3'
MG non-polymer 'MAGNESIUM ION' 'Mg 2'
NA non-polymer 'SODIUM ION' 'Na 1'
O0J non-polymer N-[4-(2-amino-1,3-thiazol-4-yl)phenyl]acetamide 'C11 H11 N3 O S'
#
# COMPACT_ATOMS: atom_id res chain seq x y z
N SER A 1 -19.12 -6.07 -16.12
N SER A 1 -19.63 -4.93 -16.57
CA SER A 1 -18.21 -5.32 -17.02
CA SER A 1 -18.25 -5.25 -17.03
C SER A 1 -17.23 -4.48 -16.20
C SER A 1 -17.23 -4.47 -16.21
N ARG A 2 -16.21 -3.92 -16.88
CA ARG A 2 -15.16 -3.13 -16.26
C ARG A 2 -15.23 -1.68 -16.71
N MET A 3 -14.58 -0.79 -15.95
CA MET A 3 -14.62 0.64 -16.19
C MET A 3 -13.87 0.99 -17.47
N GLN A 4 -14.17 2.18 -18.00
CA GLN A 4 -13.58 2.66 -19.24
C GLN A 4 -12.25 3.34 -18.91
N LEU A 5 -11.13 2.80 -19.41
CA LEU A 5 -9.83 3.39 -19.14
C LEU A 5 -9.78 4.79 -19.74
N SER A 6 -9.18 5.73 -19.04
CA SER A 6 -8.86 7.00 -19.66
C SER A 6 -7.92 6.79 -20.85
N GLU A 7 -7.81 7.84 -21.68
CA GLU A 7 -6.85 7.89 -22.76
C GLU A 7 -5.44 7.66 -22.21
N GLU A 8 -5.09 8.33 -21.11
CA GLU A 8 -3.77 8.15 -20.48
C GLU A 8 -3.55 6.70 -20.05
N GLN A 9 -4.58 6.05 -19.48
CA GLN A 9 -4.49 4.67 -19.01
C GLN A 9 -4.35 3.71 -20.18
N ALA A 10 -5.12 4.00 -21.25
CA ALA A 10 -5.06 3.17 -22.45
C ALA A 10 -3.68 3.26 -23.12
N ALA A 11 -3.04 4.43 -23.09
CA ALA A 11 -1.71 4.61 -23.67
C ALA A 11 -0.69 3.73 -22.94
N VAL A 12 -0.81 3.62 -21.61
CA VAL A 12 0.12 2.77 -20.86
C VAL A 12 -0.10 1.31 -21.25
N LEU A 13 -1.37 0.91 -21.35
CA LEU A 13 -1.69 -0.46 -21.67
C LEU A 13 -1.17 -0.84 -23.05
N ARG A 14 -1.31 0.11 -23.98
CA ARG A 14 -0.80 -0.06 -25.34
C ARG A 14 0.70 -0.34 -25.30
N ALA A 15 1.46 0.50 -24.56
CA ALA A 15 2.92 0.32 -24.51
C ALA A 15 3.28 -1.06 -23.98
N VAL A 16 2.59 -1.50 -22.93
CA VAL A 16 2.89 -2.77 -22.28
C VAL A 16 2.66 -3.92 -23.26
N LEU A 17 1.54 -3.87 -23.99
CA LEU A 17 1.24 -4.96 -24.92
C LEU A 17 2.14 -4.94 -26.16
N LYS A 18 2.79 -3.81 -26.45
CA LYS A 18 3.80 -3.73 -27.50
C LYS A 18 5.14 -4.27 -26.99
N GLY A 19 5.23 -4.66 -25.71
CA GLY A 19 6.45 -5.24 -25.16
C GLY A 19 7.47 -4.20 -24.64
N GLN A 20 7.02 -2.94 -24.48
CA GLN A 20 7.90 -1.86 -24.04
C GLN A 20 8.05 -1.90 -22.52
N SER A 21 9.30 -1.85 -22.01
CA SER A 21 9.52 -1.60 -20.59
C SER A 21 9.14 -0.16 -20.29
N ILE A 22 8.43 0.08 -19.18
N ILE A 22 8.41 0.10 -19.20
CA ILE A 22 7.91 1.39 -18.90
CA ILE A 22 7.85 1.42 -18.96
C ILE A 22 7.92 1.64 -17.40
C ILE A 22 7.76 1.68 -17.45
N PHE A 23 8.00 2.93 -17.07
CA PHE A 23 7.60 3.46 -15.76
C PHE A 23 6.37 4.33 -16.01
N PHE A 24 5.32 4.14 -15.24
CA PHE A 24 4.21 5.09 -15.32
C PHE A 24 3.96 5.67 -13.94
N THR A 25 3.60 6.95 -13.86
CA THR A 25 3.58 7.63 -12.58
C THR A 25 2.40 8.59 -12.55
N GLY A 26 2.12 9.13 -11.37
CA GLY A 26 0.97 10.01 -11.21
C GLY A 26 0.65 10.21 -9.73
N SER A 27 -0.09 11.29 -9.44
CA SER A 27 -0.54 11.58 -8.07
C SER A 27 -1.31 10.42 -7.44
N ALA A 28 -1.45 10.50 -6.12
CA ALA A 28 -2.31 9.59 -5.38
C ALA A 28 -3.69 9.53 -6.04
N GLY A 29 -4.20 8.29 -6.23
CA GLY A 29 -5.59 8.13 -6.62
C GLY A 29 -5.85 8.36 -8.11
N THR A 30 -4.82 8.25 -8.92
CA THR A 30 -4.88 8.43 -10.38
C THR A 30 -5.15 7.09 -11.08
N GLY A 31 -5.32 6.00 -10.32
CA GLY A 31 -5.64 4.69 -10.89
C GLY A 31 -4.45 3.85 -11.35
N LYS A 32 -3.24 4.08 -10.78
CA LYS A 32 -2.03 3.36 -11.15
C LYS A 32 -2.20 1.87 -10.81
N SER A 33 -2.59 1.58 -9.58
CA SER A 33 -2.74 0.18 -9.18
C SER A 33 -3.89 -0.53 -9.89
N TYR A 34 -4.99 0.19 -10.12
CA TYR A 34 -6.12 -0.32 -10.90
C TYR A 34 -5.65 -0.68 -12.31
N LEU A 35 -4.83 0.19 -12.91
N LEU A 35 -4.83 0.20 -12.92
CA LEU A 35 -4.33 -0.08 -14.26
CA LEU A 35 -4.31 -0.06 -14.26
C LEU A 35 -3.41 -1.30 -14.24
C LEU A 35 -3.41 -1.29 -14.25
N LEU A 36 -2.64 -1.47 -13.17
CA LEU A 36 -1.80 -2.67 -13.05
C LEU A 36 -2.68 -3.93 -13.08
N LYS A 37 -3.84 -3.85 -12.41
CA LYS A 37 -4.75 -5.01 -12.41
C LYS A 37 -5.26 -5.32 -13.83
N ARG A 38 -5.63 -4.25 -14.57
CA ARG A 38 -6.08 -4.38 -15.96
C ARG A 38 -4.95 -4.92 -16.84
N ILE A 39 -3.71 -4.41 -16.65
CA ILE A 39 -2.54 -4.95 -17.35
C ILE A 39 -2.35 -6.46 -17.10
N LEU A 40 -2.38 -6.89 -15.84
CA LEU A 40 -2.20 -8.31 -15.54
C LEU A 40 -3.30 -9.16 -16.18
N GLY A 41 -4.51 -8.63 -16.24
CA GLY A 41 -5.63 -9.34 -16.86
C GLY A 41 -5.46 -9.45 -18.37
N SER A 42 -4.69 -8.55 -18.99
CA SER A 42 -4.53 -8.48 -20.45
C SER A 42 -3.34 -9.32 -20.94
N LEU A 43 -2.49 -9.79 -20.02
CA LEU A 43 -1.26 -10.53 -20.30
C LEU A 43 -1.46 -12.02 -20.04
N PRO A 44 -0.72 -12.93 -20.71
CA PRO A 44 -0.71 -14.35 -20.31
C PRO A 44 -0.18 -14.42 -18.88
N PRO A 45 -0.75 -15.28 -18.01
CA PRO A 45 -0.23 -15.44 -16.66
C PRO A 45 1.15 -16.09 -16.63
N THR A 46 1.43 -16.98 -17.60
N THR A 46 1.42 -16.99 -17.60
CA THR A 46 2.74 -17.60 -17.68
CA THR A 46 2.74 -17.59 -17.69
C THR A 46 3.75 -16.55 -18.13
C THR A 46 3.74 -16.50 -18.10
N GLY A 47 4.83 -16.41 -17.35
CA GLY A 47 5.92 -15.49 -17.66
C GLY A 47 5.71 -14.08 -17.12
N THR A 48 4.58 -13.85 -16.40
CA THR A 48 4.24 -12.53 -15.88
C THR A 48 4.31 -12.63 -14.36
N VAL A 49 5.08 -11.77 -13.71
CA VAL A 49 5.18 -11.81 -12.27
C VAL A 49 4.70 -10.48 -11.72
N ALA A 50 3.75 -10.52 -10.78
CA ALA A 50 3.23 -9.33 -10.13
C ALA A 50 3.91 -9.12 -8.79
N THR A 51 4.59 -7.97 -8.62
CA THR A 51 5.17 -7.65 -7.31
C THR A 51 4.81 -6.23 -6.91
N ALA A 52 5.08 -5.94 -5.62
CA ALA A 52 5.19 -4.55 -5.20
C ALA A 52 6.32 -4.41 -4.19
N SER A 53 6.66 -3.16 -3.90
CA SER A 53 7.76 -2.91 -3.00
C SER A 53 7.46 -3.46 -1.59
N THR A 54 6.19 -3.48 -1.19
CA THR A 54 5.85 -3.81 0.19
C THR A 54 4.77 -4.90 0.18
N GLY A 55 4.66 -5.61 1.29
CA GLY A 55 3.54 -6.53 1.52
C GLY A 55 2.16 -5.87 1.39
N VAL A 56 1.96 -4.71 2.06
N VAL A 56 1.98 -4.71 2.03
N VAL A 56 1.99 -4.73 2.07
CA VAL A 56 0.67 -4.05 1.97
CA VAL A 56 0.69 -4.03 2.00
CA VAL A 56 0.78 -3.92 2.02
C VAL A 56 0.32 -3.72 0.52
C VAL A 56 0.31 -3.68 0.56
C VAL A 56 0.36 -3.70 0.57
N ALA A 57 1.28 -3.19 -0.23
CA ALA A 57 1.01 -2.81 -1.62
C ALA A 57 0.80 -4.05 -2.49
N ALA A 58 1.51 -5.16 -2.19
CA ALA A 58 1.38 -6.37 -2.99
C ALA A 58 -0.05 -6.92 -2.93
N CYS A 59 -0.65 -6.81 -1.75
N CYS A 59 -0.64 -6.78 -1.74
CA CYS A 59 -2.02 -7.28 -1.55
CA CYS A 59 -1.99 -7.25 -1.46
C CYS A 59 -3.00 -6.59 -2.49
C CYS A 59 -3.01 -6.57 -2.37
N HIS A 60 -2.79 -5.28 -2.70
CA HIS A 60 -3.76 -4.54 -3.51
C HIS A 60 -3.84 -5.09 -4.93
N ILE A 61 -2.75 -5.68 -5.43
CA ILE A 61 -2.78 -6.15 -6.81
C ILE A 61 -2.73 -7.67 -6.87
N GLY A 62 -2.83 -8.37 -5.73
CA GLY A 62 -2.81 -9.84 -5.80
C GLY A 62 -1.41 -10.39 -6.08
N GLY A 63 -0.36 -9.62 -5.75
CA GLY A 63 1.00 -9.99 -6.12
C GLY A 63 1.79 -10.48 -4.92
N THR A 64 3.10 -10.60 -5.12
CA THR A 64 4.06 -10.96 -4.08
C THR A 64 4.96 -9.75 -3.83
N THR A 65 5.82 -9.82 -2.79
CA THR A 65 6.79 -8.74 -2.59
C THR A 65 7.96 -8.91 -3.55
N LEU A 66 8.61 -7.79 -3.91
CA LEU A 66 9.79 -7.87 -4.74
C LEU A 66 10.91 -8.64 -4.00
N HIS A 67 10.97 -8.50 -2.67
CA HIS A 67 11.91 -9.24 -1.84
C HIS A 67 11.70 -10.75 -2.02
N ALA A 68 10.43 -11.19 -1.93
CA ALA A 68 10.12 -12.61 -1.99
C ALA A 68 10.41 -13.15 -3.38
N PHE A 69 10.11 -12.37 -4.43
CA PHE A 69 10.40 -12.85 -5.76
C PHE A 69 11.92 -12.97 -6.00
N ALA A 70 12.69 -11.97 -5.53
CA ALA A 70 14.11 -11.95 -5.87
C ALA A 70 14.87 -13.13 -5.24
N GLY A 71 14.51 -13.50 -3.99
CA GLY A 71 15.15 -14.57 -3.25
C GLY A 71 16.65 -14.34 -3.07
N ILE A 72 17.06 -13.11 -2.72
CA ILE A 72 18.48 -12.84 -2.49
C ILE A 72 18.72 -12.46 -1.03
N GLY A 73 17.90 -12.98 -0.12
CA GLY A 73 17.95 -12.58 1.27
C GLY A 73 17.65 -11.10 1.40
N SER A 74 18.41 -10.39 2.25
CA SER A 74 18.09 -8.99 2.49
C SER A 74 18.48 -8.14 1.28
N GLY A 75 19.38 -8.70 0.45
CA GLY A 75 20.09 -7.96 -0.60
C GLY A 75 21.34 -7.22 -0.11
N GLN A 76 21.69 -7.36 1.16
CA GLN A 76 22.87 -6.68 1.71
C GLN A 76 24.14 -7.52 1.50
N ALA A 77 23.99 -8.80 1.15
CA ALA A 77 25.19 -9.63 1.04
C ALA A 77 25.95 -9.22 -0.22
N PRO A 78 27.24 -9.62 -0.38
CA PRO A 78 27.94 -9.36 -1.65
C PRO A 78 27.17 -9.90 -2.85
N LEU A 79 27.35 -9.27 -4.02
CA LEU A 79 26.62 -9.67 -5.21
C LEU A 79 26.79 -11.16 -5.48
N ALA A 80 28.01 -11.69 -5.36
CA ALA A 80 28.25 -13.09 -5.65
C ALA A 80 27.40 -14.01 -4.76
N GLN A 81 27.21 -13.64 -3.49
N GLN A 81 27.20 -13.62 -3.50
CA GLN A 81 26.37 -14.42 -2.59
CA GLN A 81 26.38 -14.37 -2.58
C GLN A 81 24.88 -14.25 -2.94
C GLN A 81 24.90 -14.25 -2.95
N CYS A 82 24.50 -13.05 -3.41
CA CYS A 82 23.11 -12.80 -3.85
C CYS A 82 22.80 -13.68 -5.07
N VAL A 83 23.76 -13.75 -6.01
CA VAL A 83 23.61 -14.60 -7.18
C VAL A 83 23.43 -16.07 -6.76
N ALA A 84 24.26 -16.55 -5.82
CA ALA A 84 24.15 -17.92 -5.35
C ALA A 84 22.77 -18.21 -4.74
N LEU A 85 22.22 -17.26 -3.97
CA LEU A 85 20.90 -17.40 -3.39
C LEU A 85 19.84 -17.45 -4.49
N ALA A 86 20.02 -16.67 -5.57
CA ALA A 86 19.04 -16.60 -6.65
C ALA A 86 19.05 -17.87 -7.49
N GLN A 87 20.12 -18.68 -7.35
CA GLN A 87 20.31 -19.93 -8.07
CA GLN A 87 20.24 -19.92 -8.10
C GLN A 87 19.65 -21.09 -7.32
N ARG A 88 19.15 -20.84 -6.11
CA ARG A 88 18.49 -21.91 -5.36
C ARG A 88 17.23 -22.44 -6.07
N PRO A 89 16.88 -23.74 -5.89
CA PRO A 89 15.64 -24.29 -6.46
C PRO A 89 14.40 -23.46 -6.14
N GLY A 90 13.54 -23.33 -7.17
CA GLY A 90 12.31 -22.56 -7.09
C GLY A 90 12.59 -21.07 -7.30
N VAL A 91 13.56 -20.52 -6.56
CA VAL A 91 13.99 -19.15 -6.83
C VAL A 91 14.49 -19.02 -8.27
N ARG A 92 15.44 -19.89 -8.64
CA ARG A 92 16.07 -19.86 -9.96
CA ARG A 92 16.07 -19.85 -9.95
C ARG A 92 15.03 -19.89 -11.07
N GLN A 93 14.07 -20.81 -10.94
N GLN A 93 14.07 -20.83 -10.94
CA GLN A 93 13.05 -21.01 -11.96
CA GLN A 93 13.03 -21.03 -11.94
C GLN A 93 12.22 -19.73 -12.12
C GLN A 93 12.25 -19.72 -12.12
N GLY A 94 11.98 -19.05 -10.99
CA GLY A 94 11.21 -17.81 -11.01
C GLY A 94 11.94 -16.78 -11.85
N TRP A 95 13.27 -16.64 -11.68
CA TRP A 95 14.05 -15.70 -12.49
C TRP A 95 14.10 -16.10 -13.97
N LEU A 96 14.33 -17.39 -14.24
CA LEU A 96 14.47 -17.84 -15.62
C LEU A 96 13.15 -17.70 -16.39
N ASN A 97 12.00 -17.93 -15.74
CA ASN A 97 10.72 -17.99 -16.44
C ASN A 97 10.06 -16.60 -16.52
N CYS A 98 10.61 -15.61 -15.81
CA CYS A 98 10.03 -14.29 -15.75
C CYS A 98 10.31 -13.57 -17.09
N GLN A 99 9.25 -13.28 -17.85
CA GLN A 99 9.42 -12.48 -19.05
C GLN A 99 9.01 -11.03 -18.78
N ARG A 100 8.06 -10.83 -17.86
CA ARG A 100 7.49 -9.52 -17.58
C ARG A 100 7.42 -9.37 -16.06
N LEU A 101 8.00 -8.28 -15.53
CA LEU A 101 8.04 -8.11 -14.09
C LEU A 101 7.32 -6.82 -13.77
N VAL A 102 6.20 -6.95 -13.04
CA VAL A 102 5.41 -5.80 -12.61
C VAL A 102 5.89 -5.40 -11.22
N ILE A 103 6.13 -4.09 -11.00
CA ILE A 103 6.46 -3.58 -9.66
C ILE A 103 5.62 -2.33 -9.36
N ASP A 104 4.70 -2.42 -8.38
CA ASP A 104 3.95 -1.25 -7.89
C ASP A 104 4.73 -0.63 -6.73
N GLU A 105 4.38 0.61 -6.42
CA GLU A 105 4.94 1.41 -5.34
C GLU A 105 6.47 1.45 -5.40
N ILE A 106 7.02 1.78 -6.57
CA ILE A 106 8.46 1.77 -6.81
C ILE A 106 9.17 2.74 -5.86
N SER A 107 8.45 3.73 -5.28
CA SER A 107 9.13 4.80 -4.55
C SER A 107 9.84 4.25 -3.30
N MET A 108 9.43 3.08 -2.79
CA MET A 108 10.08 2.55 -1.60
C MET A 108 11.33 1.72 -1.93
N VAL A 109 11.57 1.45 -3.22
CA VAL A 109 12.74 0.64 -3.57
C VAL A 109 13.98 1.55 -3.68
N GLU A 110 15.03 1.31 -2.86
CA GLU A 110 16.20 2.17 -2.98
C GLU A 110 17.11 1.80 -4.17
N ALA A 111 17.87 2.80 -4.66
CA ALA A 111 18.67 2.63 -5.88
C ALA A 111 19.66 1.47 -5.75
N ASP A 112 20.25 1.28 -4.55
CA ASP A 112 21.28 0.26 -4.42
C ASP A 112 20.66 -1.13 -4.62
N LEU A 113 19.42 -1.29 -4.15
CA LEU A 113 18.71 -2.55 -4.32
C LEU A 113 18.37 -2.79 -5.79
N PHE A 114 17.87 -1.74 -6.46
CA PHE A 114 17.59 -1.86 -7.89
C PHE A 114 18.84 -2.32 -8.65
N ASP A 115 19.98 -1.69 -8.38
CA ASP A 115 21.26 -2.04 -9.00
C ASP A 115 21.57 -3.51 -8.76
N LYS A 116 21.34 -3.97 -7.52
CA LYS A 116 21.62 -5.35 -7.15
CA LYS A 116 21.61 -5.35 -7.14
C LYS A 116 20.72 -6.29 -7.95
N LEU A 117 19.40 -5.98 -8.02
CA LEU A 117 18.48 -6.86 -8.74
C LEU A 117 18.81 -6.93 -10.22
N GLU A 118 19.20 -5.79 -10.78
CA GLU A 118 19.51 -5.70 -12.21
C GLU A 118 20.67 -6.64 -12.54
N ALA A 119 21.65 -6.67 -11.64
CA ALA A 119 22.87 -7.46 -11.84
C ALA A 119 22.58 -8.94 -11.62
N VAL A 120 21.76 -9.24 -10.61
CA VAL A 120 21.31 -10.61 -10.38
C VAL A 120 20.55 -11.14 -11.59
N ALA A 121 19.62 -10.32 -12.14
CA ALA A 121 18.87 -10.72 -13.35
C ALA A 121 19.83 -11.16 -14.44
N ARG A 122 20.87 -10.35 -14.69
CA ARG A 122 21.83 -10.68 -15.76
C ARG A 122 22.58 -11.98 -15.48
N ALA A 123 23.05 -12.14 -14.23
CA ALA A 123 23.87 -13.30 -13.86
C ALA A 123 23.07 -14.59 -13.93
N VAL A 124 21.86 -14.60 -13.37
CA VAL A 124 21.09 -15.84 -13.28
C VAL A 124 20.58 -16.26 -14.65
N ARG A 125 20.12 -15.29 -15.46
CA ARG A 125 19.53 -15.62 -16.74
C ARG A 125 20.59 -15.72 -17.84
N GLN A 126 21.83 -15.30 -17.52
N GLN A 126 21.83 -15.30 -17.53
CA GLN A 126 22.95 -15.29 -18.45
CA GLN A 126 22.95 -15.31 -18.46
C GLN A 126 22.54 -14.55 -19.72
C GLN A 126 22.57 -14.54 -19.72
N GLN A 127 21.86 -13.42 -19.54
CA GLN A 127 21.50 -12.52 -20.63
C GLN A 127 22.15 -11.18 -20.34
N ASN A 128 23.02 -10.78 -21.26
CA ASN A 128 23.81 -9.56 -21.18
CA ASN A 128 23.79 -9.55 -21.14
C ASN A 128 23.02 -8.39 -21.77
N LYS A 129 21.83 -8.12 -21.24
N LYS A 129 21.82 -8.12 -21.22
CA LYS A 129 21.01 -6.97 -21.60
CA LYS A 129 20.95 -7.02 -21.61
C LYS A 129 20.47 -6.37 -20.31
C LYS A 129 20.43 -6.39 -20.31
N PRO A 130 19.98 -5.11 -20.29
CA PRO A 130 19.47 -4.50 -19.05
C PRO A 130 18.48 -5.42 -18.33
N PHE A 131 18.68 -5.59 -17.02
CA PHE A 131 17.76 -6.40 -16.22
C PHE A 131 17.55 -7.78 -16.86
N GLY A 132 18.61 -8.33 -17.45
CA GLY A 132 18.53 -9.69 -17.99
C GLY A 132 17.52 -9.80 -19.15
N GLY A 133 17.16 -8.67 -19.76
CA GLY A 133 16.17 -8.70 -20.82
C GLY A 133 14.71 -8.81 -20.35
N ILE A 134 14.42 -8.67 -19.04
CA ILE A 134 13.04 -8.73 -18.57
C ILE A 134 12.30 -7.48 -19.01
N GLN A 135 11.03 -7.63 -19.44
CA GLN A 135 10.22 -6.44 -19.66
C GLN A 135 9.73 -5.90 -18.31
N LEU A 136 10.18 -4.69 -17.93
CA LEU A 136 9.82 -4.08 -16.64
C LEU A 136 8.57 -3.21 -16.84
N ILE A 137 7.62 -3.37 -15.91
CA ILE A 137 6.36 -2.62 -15.92
C ILE A 137 6.25 -2.04 -14.51
N ILE A 138 6.65 -0.78 -14.38
CA ILE A 138 6.89 -0.22 -13.05
C ILE A 138 5.99 0.99 -12.82
N CYS A 139 5.39 1.10 -11.63
CA CYS A 139 4.66 2.34 -11.37
C CYS A 139 4.75 2.72 -9.90
N GLY A 140 4.34 3.96 -9.62
CA GLY A 140 4.26 4.52 -8.28
C GLY A 140 4.44 6.04 -8.41
N ASP A 141 4.74 6.66 -7.27
CA ASP A 141 4.85 8.11 -7.22
C ASP A 141 6.03 8.45 -6.32
N PHE A 142 7.08 9.05 -6.89
CA PHE A 142 8.23 9.33 -6.07
C PHE A 142 7.95 10.47 -5.08
N LEU A 143 6.82 11.19 -5.26
CA LEU A 143 6.44 12.18 -4.23
C LEU A 143 5.56 11.57 -3.14
N GLN A 144 5.40 10.25 -3.14
CA GLN A 144 4.80 9.53 -2.02
C GLN A 144 5.90 8.92 -1.10
N LEU A 145 5.72 7.66 -0.64
CA LEU A 145 6.57 7.21 0.47
C LEU A 145 8.01 6.99 -0.02
N PRO A 146 9.01 7.47 0.73
CA PRO A 146 10.39 7.46 0.27
C PRO A 146 11.05 6.09 0.48
N PRO A 147 12.24 5.90 -0.15
CA PRO A 147 12.92 4.61 -0.16
C PRO A 147 13.30 4.20 1.26
N VAL A 148 13.21 2.89 1.49
CA VAL A 148 13.76 2.33 2.71
C VAL A 148 15.03 1.52 2.39
N THR A 149 15.79 1.15 3.44
CA THR A 149 17.00 0.34 3.21
C THR A 149 17.11 -0.74 4.29
N LYS A 150 17.66 -1.91 3.90
CA LYS A 150 17.97 -2.96 4.87
C LYS A 150 19.38 -2.74 5.43
N GLY A 151 20.09 -1.73 4.91
CA GLY A 151 21.40 -1.36 5.40
C GLY A 151 21.34 -0.18 6.37
N SER A 152 22.43 0.56 6.45
CA SER A 152 22.58 1.62 7.45
C SER A 152 22.92 2.97 6.81
N GLN A 153 23.00 3.02 5.48
CA GLN A 153 23.33 4.24 4.76
C GLN A 153 22.04 4.97 4.33
N PRO A 154 22.08 6.31 4.12
CA PRO A 154 20.91 7.08 3.65
C PRO A 154 20.52 6.59 2.26
N PRO A 155 19.27 6.13 2.04
CA PRO A 155 18.91 5.52 0.75
C PRO A 155 18.85 6.55 -0.36
N ARG A 156 19.16 6.12 -1.58
CA ARG A 156 18.92 6.92 -2.77
C ARG A 156 17.58 6.51 -3.37
N PHE A 157 16.89 7.46 -4.02
CA PHE A 157 15.68 7.14 -4.79
C PHE A 157 16.01 6.21 -5.97
N CYS A 158 15.02 5.40 -6.39
CA CYS A 158 15.26 4.34 -7.37
C CYS A 158 15.79 4.96 -8.67
N PHE A 159 15.31 6.17 -8.99
CA PHE A 159 15.67 6.84 -10.24
C PHE A 159 17.13 7.30 -10.24
N GLN A 160 17.80 7.32 -9.07
CA GLN A 160 19.23 7.62 -8.99
C GLN A 160 20.06 6.42 -9.42
N SER A 161 19.47 5.23 -9.56
CA SER A 161 20.30 4.10 -9.97
C SER A 161 20.93 4.44 -11.31
N LYS A 162 22.21 4.10 -11.54
CA LYS A 162 22.82 4.38 -12.86
C LYS A 162 22.19 3.50 -13.96
N SER A 163 21.36 2.51 -13.60
CA SER A 163 20.66 1.67 -14.57
C SER A 163 19.18 2.04 -14.80
N TRP A 164 18.65 2.99 -14.04
CA TRP A 164 17.22 3.32 -14.12
C TRP A 164 16.74 3.57 -15.54
N LYS A 165 17.33 4.58 -16.19
CA LYS A 165 16.79 5.03 -17.48
C LYS A 165 16.99 3.96 -18.57
N ARG A 166 18.09 3.21 -18.48
CA ARG A 166 18.36 2.17 -19.45
C ARG A 166 17.35 1.03 -19.27
N CYS A 167 16.96 0.74 -18.01
CA CYS A 167 16.00 -0.34 -17.74
C CYS A 167 14.54 0.04 -18.00
N VAL A 168 14.16 1.29 -17.75
CA VAL A 168 12.81 1.76 -18.04
C VAL A 168 12.91 2.97 -18.97
N PRO A 169 13.05 2.75 -20.29
CA PRO A 169 13.33 3.85 -21.22
C PRO A 169 12.12 4.76 -21.52
N VAL A 170 10.92 4.30 -21.20
CA VAL A 170 9.70 5.04 -21.51
C VAL A 170 9.02 5.40 -20.20
N THR A 171 8.47 6.62 -20.16
CA THR A 171 7.76 7.10 -18.99
C THR A 171 6.43 7.71 -19.43
N LEU A 172 5.33 7.30 -18.77
CA LEU A 172 4.03 7.91 -19.06
C LEU A 172 3.42 8.41 -17.75
N GLU A 173 2.48 9.36 -17.82
CA GLU A 173 1.86 9.86 -16.59
C GLU A 173 0.34 9.69 -16.64
N LEU A 174 -0.27 9.45 -15.46
CA LEU A 174 -1.71 9.52 -15.23
C LEU A 174 -1.96 10.82 -14.45
N THR A 175 -2.83 11.71 -14.98
CA THR A 175 -2.98 13.03 -14.38
C THR A 175 -4.36 13.31 -13.79
N LYS A 176 -5.34 12.40 -14.00
N LYS A 176 -5.33 12.41 -14.02
CA LYS A 176 -6.69 12.67 -13.52
CA LYS A 176 -6.68 12.65 -13.53
C LYS A 176 -6.94 11.89 -12.23
C LYS A 176 -6.89 11.88 -12.23
N VAL A 177 -7.16 12.61 -11.13
CA VAL A 177 -7.42 11.98 -9.84
C VAL A 177 -8.87 11.49 -9.81
N TRP A 178 -9.04 10.22 -9.40
N TRP A 178 -9.06 10.24 -9.38
CA TRP A 178 -10.34 9.57 -9.28
CA TRP A 178 -10.39 9.66 -9.25
C TRP A 178 -10.74 9.39 -7.82
C TRP A 178 -10.75 9.37 -7.80
N ARG A 179 -9.73 9.20 -6.94
CA ARG A 179 -10.02 8.83 -5.54
C ARG A 179 -10.93 9.88 -4.89
N GLN A 180 -10.52 11.14 -5.01
CA GLN A 180 -11.36 12.26 -4.58
C GLN A 180 -12.17 12.78 -5.77
N ALA A 181 -13.44 13.13 -5.51
CA ALA A 181 -14.35 13.67 -6.52
C ALA A 181 -14.36 15.20 -6.51
N ASP A 182 -13.97 15.77 -5.37
CA ASP A 182 -14.10 17.22 -5.11
C ASP A 182 -12.88 17.96 -5.65
N GLN A 183 -13.05 18.90 -6.59
CA GLN A 183 -11.93 19.67 -7.12
C GLN A 183 -11.21 20.52 -6.07
N THR A 184 -11.94 21.06 -5.07
CA THR A 184 -11.31 21.85 -4.03
C THR A 184 -10.26 20.99 -3.31
N PHE A 185 -10.68 19.80 -2.87
CA PHE A 185 -9.75 18.90 -2.19
C PHE A 185 -8.62 18.44 -3.13
N ILE A 186 -8.93 18.14 -4.40
CA ILE A 186 -7.91 17.71 -5.35
C ILE A 186 -6.82 18.80 -5.48
N SER A 187 -7.23 20.06 -5.57
CA SER A 187 -6.31 21.17 -5.77
C SER A 187 -5.45 21.34 -4.51
N LEU A 188 -6.08 21.16 -3.34
CA LEU A 188 -5.38 21.24 -2.06
C LEU A 188 -4.31 20.15 -1.97
N LEU A 189 -4.68 18.91 -2.36
CA LEU A 189 -3.73 17.78 -2.32
C LEU A 189 -2.55 17.97 -3.27
N GLN A 190 -2.83 18.53 -4.46
N GLN A 190 -2.84 18.53 -4.45
CA GLN A 190 -1.77 18.79 -5.43
CA GLN A 190 -1.84 18.81 -5.47
C GLN A 190 -0.77 19.80 -4.89
C GLN A 190 -0.81 19.82 -4.93
N ALA A 191 -1.26 20.86 -4.21
CA ALA A 191 -0.35 21.83 -3.58
C ALA A 191 0.54 21.16 -2.53
N VAL A 192 -0.05 20.30 -1.69
CA VAL A 192 0.69 19.57 -0.68
C VAL A 192 1.72 18.66 -1.36
N ARG A 193 1.34 17.98 -2.45
CA ARG A 193 2.25 17.00 -3.06
C ARG A 193 3.54 17.69 -3.54
N LEU A 194 3.40 18.94 -3.99
CA LEU A 194 4.52 19.68 -4.55
C LEU A 194 5.17 20.61 -3.52
N GLY A 195 4.73 20.52 -2.26
CA GLY A 195 5.27 21.34 -1.19
C GLY A 195 4.98 22.83 -1.37
N ARG A 196 3.78 23.17 -1.87
CA ARG A 196 3.42 24.56 -2.11
C ARG A 196 2.26 25.01 -1.20
N CYS A 197 2.56 25.09 0.10
CA CYS A 197 1.53 25.48 1.06
C CYS A 197 1.43 27.01 1.14
N SER A 198 0.56 27.57 0.30
CA SER A 198 0.16 28.97 0.38
C SER A 198 -0.58 29.23 1.69
N ASP A 199 -0.73 30.50 2.06
CA ASP A 199 -1.62 30.84 3.19
C ASP A 199 -3.00 30.17 3.03
N GLU A 200 -3.56 30.16 1.82
CA GLU A 200 -4.88 29.58 1.59
C GLU A 200 -4.90 28.07 1.82
N VAL A 201 -3.87 27.36 1.34
CA VAL A 201 -3.78 25.91 1.57
C VAL A 201 -3.71 25.59 3.07
N THR A 202 -2.84 26.35 3.77
CA THR A 202 -2.61 26.11 5.18
C THR A 202 -3.91 26.37 5.96
N ARG A 203 -4.59 27.50 5.65
CA ARG A 203 -5.87 27.82 6.26
C ARG A 203 -6.88 26.68 6.05
N GLN A 204 -6.96 26.14 4.82
CA GLN A 204 -7.96 25.12 4.55
CA GLN A 204 -7.90 25.08 4.49
C GLN A 204 -7.67 23.82 5.32
N LEU A 205 -6.38 23.47 5.49
CA LEU A 205 -6.09 22.25 6.24
C LEU A 205 -6.35 22.48 7.73
N GLN A 206 -5.99 23.65 8.23
CA GLN A 206 -6.26 23.95 9.65
C GLN A 206 -7.76 23.94 9.96
N ALA A 207 -8.58 24.33 8.97
CA ALA A 207 -10.02 24.41 9.22
C ALA A 207 -10.58 23.01 9.45
N THR A 208 -9.87 21.98 9.00
CA THR A 208 -10.39 20.61 9.18
C THR A 208 -10.30 20.16 10.62
N ALA A 209 -9.55 20.91 11.44
CA ALA A 209 -9.42 20.47 12.83
C ALA A 209 -10.78 20.35 13.53
N SER A 210 -11.80 21.09 13.03
CA SER A 210 -13.13 21.16 13.63
CA SER A 210 -13.14 21.16 13.62
C SER A 210 -14.03 20.05 13.09
N HIS A 211 -13.56 19.30 12.09
CA HIS A 211 -14.41 18.30 11.45
C HIS A 211 -14.81 17.20 12.43
N LYS A 212 -16.13 16.91 12.50
CA LYS A 212 -16.59 15.71 13.17
C LYS A 212 -16.69 14.65 12.10
N VAL A 213 -15.78 13.66 12.17
N VAL A 213 -15.78 13.67 12.18
CA VAL A 213 -15.66 12.73 11.05
CA VAL A 213 -15.60 12.78 11.04
C VAL A 213 -16.35 11.42 11.40
C VAL A 213 -16.43 11.51 11.23
N GLY A 214 -16.59 11.20 12.69
N GLY A 214 -16.58 11.07 12.47
CA GLY A 214 -17.21 9.97 13.18
CA GLY A 214 -17.24 9.80 12.76
C GLY A 214 -18.73 10.10 13.23
C GLY A 214 -18.74 9.88 12.53
N ARG A 215 -19.43 8.97 13.06
N ARG A 215 -19.47 8.98 13.20
CA ARG A 215 -20.88 8.91 13.12
CA ARG A 215 -20.91 9.04 13.27
C ARG A 215 -21.30 8.15 14.36
C ARG A 215 -21.44 7.81 14.00
N ASP A 216 -22.54 7.67 14.42
N ASP A 216 -22.31 8.06 14.97
CA ASP A 216 -22.99 7.08 15.67
CA ASP A 216 -23.04 6.99 15.64
C ASP A 216 -22.04 5.95 16.06
C ASP A 216 -22.05 5.91 16.06
N GLY A 217 -21.21 6.23 17.06
CA GLY A 217 -20.38 5.23 17.70
C GLY A 217 -19.10 4.88 16.92
N ILE A 218 -18.88 5.51 15.76
CA ILE A 218 -17.64 5.23 15.03
C ILE A 218 -16.76 6.48 15.16
N VAL A 219 -15.47 6.28 15.52
CA VAL A 219 -14.54 7.39 15.66
C VAL A 219 -13.42 7.28 14.62
N ALA A 220 -12.69 8.39 14.41
CA ALA A 220 -11.70 8.50 13.36
C ALA A 220 -10.57 7.53 13.65
N THR A 221 -10.00 6.95 12.58
CA THR A 221 -8.73 6.24 12.72
C THR A 221 -7.61 7.29 12.75
N ARG A 222 -6.79 7.26 13.81
CA ARG A 222 -5.62 8.14 13.85
C ARG A 222 -4.48 7.50 13.07
N LEU A 223 -3.91 8.23 12.11
CA LEU A 223 -2.79 7.72 11.34
C LEU A 223 -1.50 8.16 12.04
N CSO A 224 -0.61 7.21 12.31
CA CSO A 224 0.61 7.41 13.11
CB CSO A 224 0.59 6.51 14.34
SG CSO A 224 -0.91 6.75 15.33
C CSO A 224 1.82 7.08 12.26
O CSO A 224 1.74 6.30 11.31
OD CSO A 224 -0.70 6.31 16.92
N THR A 225 2.98 7.64 12.62
CA THR A 225 4.18 7.35 11.82
C THR A 225 4.77 5.98 12.15
N HIS A 226 4.56 5.48 13.37
CA HIS A 226 5.24 4.27 13.79
C HIS A 226 4.27 3.24 14.38
N GLN A 227 4.47 1.95 14.07
CA GLN A 227 3.61 0.86 14.53
C GLN A 227 3.62 0.74 16.06
N ASP A 228 4.71 1.11 16.76
CA ASP A 228 4.67 1.02 18.22
C ASP A 228 3.48 1.80 18.77
N ASP A 229 3.28 3.00 18.21
CA ASP A 229 2.27 3.93 18.69
C ASP A 229 0.88 3.40 18.32
N VAL A 230 0.77 2.80 17.12
CA VAL A 230 -0.48 2.19 16.72
C VAL A 230 -0.88 1.08 17.69
N ALA A 231 0.07 0.18 17.98
CA ALA A 231 -0.24 -1.01 18.77
C ALA A 231 -0.67 -0.58 20.17
N LEU A 232 0.04 0.40 20.74
N LEU A 232 0.09 0.37 20.72
CA LEU A 232 -0.28 0.81 22.10
CA LEU A 232 -0.20 0.95 22.01
C LEU A 232 -1.65 1.50 22.13
C LEU A 232 -1.63 1.45 22.08
N THR A 233 -1.98 2.29 21.11
CA THR A 233 -3.28 2.98 21.13
C THR A 233 -4.41 1.95 21.01
N ASN A 234 -4.31 1.06 20.01
CA ASN A 234 -5.37 0.07 19.83
C ASN A 234 -5.56 -0.80 21.09
N GLU A 235 -4.46 -1.21 21.73
N GLU A 235 -4.46 -1.14 21.77
CA GLU A 235 -4.56 -2.10 22.87
CA GLU A 235 -4.52 -1.94 22.98
C GLU A 235 -5.24 -1.42 24.06
C GLU A 235 -5.22 -1.16 24.10
N ARG A 236 -4.87 -0.17 24.32
N ARG A 236 -4.75 0.07 24.34
CA ARG A 236 -5.38 0.53 25.49
CA ARG A 236 -5.29 0.88 25.42
C ARG A 236 -6.87 0.85 25.29
C ARG A 236 -6.79 1.08 25.24
N ARG A 237 -7.23 1.30 24.08
N ARG A 237 -7.22 1.38 24.01
CA ARG A 237 -8.60 1.66 23.79
CA ARG A 237 -8.62 1.69 23.76
C ARG A 237 -9.50 0.43 23.86
C ARG A 237 -9.47 0.42 23.93
N LEU A 238 -8.96 -0.73 23.49
CA LEU A 238 -9.67 -2.01 23.63
C LEU A 238 -9.86 -2.32 25.12
N GLN A 239 -8.77 -2.16 25.90
N GLN A 239 -8.75 -2.25 25.89
CA GLN A 239 -8.72 -2.42 27.33
CA GLN A 239 -8.75 -2.63 27.30
C GLN A 239 -9.76 -1.59 28.08
C GLN A 239 -9.75 -1.78 28.09
N GLU A 240 -9.98 -0.33 27.67
N GLU A 240 -9.96 -0.54 27.63
CA GLU A 240 -10.87 0.54 28.42
CA GLU A 240 -10.78 0.43 28.33
C GLU A 240 -12.34 0.18 28.19
C GLU A 240 -12.28 0.14 28.18
N LEU A 241 -12.65 -0.63 27.15
CA LEU A 241 -14.05 -0.97 26.87
C LEU A 241 -14.57 -1.94 27.93
N PRO A 242 -15.81 -1.80 28.45
CA PRO A 242 -16.27 -2.70 29.52
C PRO A 242 -16.61 -4.17 29.22
N GLY A 243 -16.88 -4.49 27.95
CA GLY A 243 -17.43 -5.81 27.66
C GLY A 243 -16.37 -6.89 27.84
N LYS A 244 -16.80 -8.15 27.82
CA LYS A 244 -15.87 -9.28 27.81
C LYS A 244 -15.14 -9.33 26.47
N VAL A 245 -13.90 -9.84 26.50
CA VAL A 245 -13.08 -10.08 25.31
C VAL A 245 -13.57 -11.33 24.57
N HIS A 246 -13.73 -11.19 23.25
CA HIS A 246 -14.04 -12.30 22.34
C HIS A 246 -12.82 -12.55 21.48
N ARG A 247 -12.35 -13.80 21.41
CA ARG A 247 -11.08 -14.09 20.74
CA ARG A 247 -11.09 -14.08 20.73
C ARG A 247 -11.32 -14.94 19.51
N PHE A 248 -10.58 -14.63 18.43
CA PHE A 248 -10.66 -15.33 17.16
C PHE A 248 -9.22 -15.70 16.78
N GLU A 249 -8.93 -17.01 16.80
CA GLU A 249 -7.58 -17.50 16.54
CA GLU A 249 -7.59 -17.53 16.55
C GLU A 249 -7.47 -17.90 15.08
N ALA A 250 -6.41 -17.42 14.41
CA ALA A 250 -6.22 -17.72 13.00
C ALA A 250 -5.78 -19.18 12.83
N MET A 251 -6.09 -19.77 11.67
CA MET A 251 -5.49 -21.06 11.33
CA MET A 251 -5.52 -21.06 11.31
C MET A 251 -4.58 -20.83 10.11
N ASP A 252 -3.29 -21.17 10.32
CA ASP A 252 -2.20 -21.01 9.36
C ASP A 252 -1.79 -22.36 8.77
N SER A 253 -1.45 -22.41 7.48
CA SER A 253 -1.05 -23.68 6.87
C SER A 253 0.30 -24.12 7.44
N ASN A 254 1.17 -23.15 7.75
CA ASN A 254 2.45 -23.40 8.37
C ASN A 254 2.64 -22.41 9.50
N PRO A 255 2.11 -22.72 10.71
CA PRO A 255 2.27 -21.89 11.90
C PRO A 255 3.70 -21.43 12.15
N GLU A 256 4.67 -22.27 11.76
CA GLU A 256 6.07 -22.01 12.05
C GLU A 256 6.60 -20.89 11.15
N LEU A 257 5.84 -20.56 10.09
CA LEU A 257 6.24 -19.50 9.18
C LEU A 257 5.35 -18.27 9.34
N ALA A 258 4.72 -18.10 10.52
CA ALA A 258 3.76 -17.04 10.76
C ALA A 258 4.32 -15.66 10.43
N SER A 259 5.60 -15.42 10.74
CA SER A 259 6.21 -14.13 10.50
C SER A 259 6.35 -13.81 9.01
N THR A 260 6.63 -14.83 8.19
CA THR A 260 6.60 -14.67 6.74
C THR A 260 5.20 -14.27 6.28
N LEU A 261 4.16 -14.95 6.81
CA LEU A 261 2.75 -14.68 6.52
C LEU A 261 2.41 -13.26 6.94
N ASP A 262 2.92 -12.82 8.11
CA ASP A 262 2.55 -11.53 8.66
C ASP A 262 2.99 -10.38 7.75
N ALA A 263 4.11 -10.55 7.05
CA ALA A 263 4.60 -9.45 6.23
C ALA A 263 3.71 -9.21 5.01
N GLN A 264 2.87 -10.18 4.62
CA GLN A 264 2.18 -10.05 3.35
C GLN A 264 0.66 -10.22 3.51
N CYS A 265 0.21 -10.15 4.76
CA CYS A 265 -1.18 -10.45 5.11
C CYS A 265 -1.67 -9.40 6.13
N PRO A 266 -2.89 -8.78 5.97
CA PRO A 266 -3.35 -7.73 6.89
C PRO A 266 -4.01 -8.15 8.21
N VAL A 267 -4.11 -9.47 8.46
CA VAL A 267 -4.76 -9.91 9.69
C VAL A 267 -3.75 -10.63 10.58
N SER A 268 -4.09 -10.66 11.88
CA SER A 268 -3.27 -11.16 12.97
C SER A 268 -3.60 -12.60 13.32
N GLN A 269 -2.63 -13.28 13.96
N GLN A 269 -2.63 -13.26 13.98
CA GLN A 269 -2.86 -14.61 14.49
CA GLN A 269 -2.80 -14.58 14.52
C GLN A 269 -3.97 -14.60 15.53
C GLN A 269 -3.92 -14.60 15.56
N LEU A 270 -4.01 -13.56 16.39
CA LEU A 270 -5.03 -13.49 17.42
C LEU A 270 -5.85 -12.20 17.31
N LEU A 271 -7.14 -12.30 16.97
CA LEU A 271 -7.98 -11.12 16.88
C LEU A 271 -8.83 -11.05 18.16
N GLN A 272 -8.78 -9.92 18.87
CA GLN A 272 -9.54 -9.75 20.11
C GLN A 272 -10.53 -8.61 19.91
N LEU A 273 -11.80 -8.87 20.29
CA LEU A 273 -12.85 -7.90 20.02
C LEU A 273 -13.71 -7.73 21.27
N LYS A 274 -14.37 -6.58 21.35
CA LYS A 274 -15.41 -6.34 22.34
C LYS A 274 -16.51 -5.49 21.70
N LEU A 275 -17.70 -5.50 22.30
N LEU A 275 -17.69 -5.47 22.33
CA LEU A 275 -18.72 -4.52 21.97
CA LEU A 275 -18.72 -4.49 22.05
C LEU A 275 -18.10 -3.13 22.00
C LEU A 275 -18.11 -3.08 22.04
N GLY A 276 -18.29 -2.37 20.92
CA GLY A 276 -17.78 -1.00 20.86
C GLY A 276 -16.38 -0.94 20.24
N ALA A 277 -15.79 -2.10 19.87
CA ALA A 277 -14.45 -2.09 19.29
C ALA A 277 -14.47 -1.39 17.93
N GLN A 278 -13.48 -0.51 17.67
CA GLN A 278 -13.41 0.19 16.38
C GLN A 278 -12.58 -0.66 15.43
N VAL A 279 -13.14 -0.98 14.25
CA VAL A 279 -12.53 -2.01 13.42
C VAL A 279 -12.46 -1.53 12.00
N MET A 280 -11.49 -2.08 11.26
CA MET A 280 -11.39 -1.79 9.85
C MET A 280 -11.53 -3.11 9.11
N LEU A 281 -12.33 -3.08 8.03
CA LEU A 281 -12.42 -4.22 7.11
C LEU A 281 -11.21 -4.19 6.19
N VAL A 282 -10.51 -5.34 6.08
CA VAL A 282 -9.22 -5.33 5.41
C VAL A 282 -9.21 -6.27 4.22
N LYS A 283 -10.41 -6.54 3.71
CA LYS A 283 -10.65 -7.34 2.53
C LYS A 283 -11.90 -6.80 1.83
N ASN A 284 -11.89 -6.73 0.49
CA ASN A 284 -13.11 -6.41 -0.22
C ASN A 284 -14.08 -7.59 -0.10
N LEU A 285 -15.29 -7.29 0.38
CA LEU A 285 -16.31 -8.31 0.53
C LEU A 285 -17.41 -8.09 -0.50
N SER A 286 -17.78 -6.82 -0.70
CA SER A 286 -18.89 -6.50 -1.58
C SER A 286 -18.79 -5.01 -1.92
N VAL A 287 -18.28 -4.72 -3.13
CA VAL A 287 -18.16 -3.36 -3.59
C VAL A 287 -19.53 -2.68 -3.56
N SER A 288 -20.57 -3.46 -3.92
CA SER A 288 -21.94 -2.97 -4.02
C SER A 288 -22.48 -2.50 -2.67
N ARG A 289 -22.20 -3.25 -1.59
CA ARG A 289 -22.73 -2.93 -0.28
CA ARG A 289 -22.72 -2.96 -0.26
C ARG A 289 -21.74 -2.05 0.49
N GLY A 290 -20.72 -1.54 -0.21
CA GLY A 290 -19.74 -0.66 0.40
C GLY A 290 -18.80 -1.38 1.38
N LEU A 291 -18.76 -2.73 1.35
CA LEU A 291 -17.91 -3.52 2.22
C LEU A 291 -16.57 -3.77 1.53
N VAL A 292 -15.71 -2.73 1.54
CA VAL A 292 -14.46 -2.72 0.81
C VAL A 292 -13.31 -2.56 1.81
N ASN A 293 -12.09 -2.87 1.31
CA ASN A 293 -10.84 -2.73 2.04
C ASN A 293 -10.75 -1.28 2.48
N GLY A 294 -10.60 -1.07 3.80
CA GLY A 294 -10.48 0.26 4.39
C GLY A 294 -11.78 0.72 5.09
N ALA A 295 -12.89 0.01 4.88
CA ALA A 295 -14.17 0.42 5.47
C ALA A 295 -14.11 0.41 7.00
N ARG A 296 -14.65 1.46 7.62
CA ARG A 296 -14.58 1.59 9.06
C ARG A 296 -15.91 1.22 9.68
N GLY A 297 -15.84 0.54 10.82
CA GLY A 297 -17.05 0.27 11.59
C GLY A 297 -16.78 0.07 13.09
N VAL A 298 -17.83 -0.35 13.78
CA VAL A 298 -17.81 -0.59 15.21
C VAL A 298 -18.58 -1.88 15.48
N VAL A 299 -18.06 -2.66 16.42
CA VAL A 299 -18.69 -3.92 16.75
C VAL A 299 -19.94 -3.61 17.58
N VAL A 300 -21.10 -4.13 17.13
CA VAL A 300 -22.37 -3.78 17.75
C VAL A 300 -22.99 -5.03 18.39
N GLY A 301 -22.34 -6.19 18.27
CA GLY A 301 -22.92 -7.44 18.80
C GLY A 301 -22.06 -8.66 18.46
N PHE A 302 -22.36 -9.82 19.08
CA PHE A 302 -21.77 -11.10 18.67
C PHE A 302 -22.92 -12.09 18.52
N GLU A 303 -22.80 -13.00 17.56
CA GLU A 303 -23.87 -13.97 17.35
C GLU A 303 -23.92 -14.91 18.55
N ALA A 304 -25.12 -15.40 18.84
CA ALA A 304 -25.30 -16.25 20.01
C ALA A 304 -24.80 -17.67 19.71
N GLU A 305 -24.74 -18.01 18.41
N GLU A 305 -24.79 -18.05 18.43
CA GLU A 305 -24.48 -19.38 17.98
CA GLU A 305 -24.49 -19.43 18.09
C GLU A 305 -23.04 -19.54 17.51
C GLU A 305 -23.08 -19.56 17.50
N GLY A 306 -22.57 -20.80 17.54
CA GLY A 306 -21.35 -21.20 16.87
C GLY A 306 -20.12 -20.50 17.43
N ARG A 307 -19.38 -19.85 16.54
CA ARG A 307 -18.15 -19.16 16.92
C ARG A 307 -18.45 -17.82 17.60
N GLY A 308 -19.69 -17.34 17.51
CA GLY A 308 -20.02 -16.03 18.08
C GLY A 308 -19.36 -14.91 17.28
N LEU A 309 -19.59 -14.94 15.96
CA LEU A 309 -18.94 -14.00 15.07
C LEU A 309 -19.41 -12.58 15.39
N PRO A 310 -18.57 -11.54 15.14
CA PRO A 310 -19.01 -10.18 15.42
C PRO A 310 -20.00 -9.59 14.42
N GLN A 311 -20.95 -8.81 14.92
N GLN A 311 -20.94 -8.80 14.93
CA GLN A 311 -21.83 -8.01 14.09
CA GLN A 311 -21.81 -8.01 14.08
C GLN A 311 -21.23 -6.59 14.04
C GLN A 311 -21.22 -6.60 14.04
N VAL A 312 -20.97 -6.06 12.83
CA VAL A 312 -20.21 -4.81 12.69
C VAL A 312 -21.10 -3.81 11.94
N ARG A 313 -21.27 -2.62 12.51
CA ARG A 313 -22.00 -1.55 11.87
C ARG A 313 -20.96 -0.67 11.21
N PHE A 314 -21.07 -0.49 9.90
CA PHE A 314 -20.13 0.32 9.14
C PHE A 314 -20.65 1.74 8.92
N LEU A 315 -19.71 2.69 8.77
CA LEU A 315 -19.99 4.12 8.61
C LEU A 315 -20.99 4.41 7.48
N CYS A 316 -20.81 3.74 6.33
CA CYS A 316 -21.73 3.84 5.18
C CYS A 316 -23.18 3.59 5.61
N GLY A 317 -23.38 2.62 6.52
CA GLY A 317 -24.72 2.32 6.98
C GLY A 317 -24.99 0.83 7.21
N VAL A 318 -24.29 -0.07 6.51
CA VAL A 318 -24.68 -1.48 6.58
C VAL A 318 -24.23 -2.11 7.90
N THR A 319 -25.09 -2.96 8.49
CA THR A 319 -24.69 -3.79 9.62
C THR A 319 -24.67 -5.24 9.14
N GLU A 320 -23.54 -5.94 9.37
CA GLU A 320 -23.28 -7.25 8.81
CA GLU A 320 -23.26 -7.24 8.79
C GLU A 320 -22.42 -8.09 9.75
N VAL A 321 -22.76 -9.38 9.86
CA VAL A 321 -21.95 -10.37 10.57
C VAL A 321 -20.72 -10.69 9.72
N ILE A 322 -19.51 -10.60 10.32
CA ILE A 322 -18.27 -10.78 9.57
C ILE A 322 -17.76 -12.21 9.76
N HIS A 323 -17.68 -12.96 8.65
CA HIS A 323 -17.30 -14.36 8.63
C HIS A 323 -15.79 -14.45 8.31
N ALA A 324 -15.21 -15.64 8.55
CA ALA A 324 -13.82 -15.94 8.26
C ALA A 324 -13.50 -15.69 6.79
N ASP A 325 -12.26 -15.27 6.51
CA ASP A 325 -11.79 -15.21 5.14
C ASP A 325 -10.41 -15.88 5.08
N ARG A 326 -9.73 -15.79 3.93
CA ARG A 326 -8.51 -16.53 3.72
CA ARG A 326 -8.54 -16.56 3.66
CA ARG A 326 -8.50 -16.52 3.74
C ARG A 326 -7.56 -15.73 2.83
N TRP A 327 -6.28 -15.74 3.20
CA TRP A 327 -5.20 -15.10 2.44
C TRP A 327 -4.18 -16.18 2.10
N THR A 328 -3.82 -16.26 0.81
CA THR A 328 -2.75 -17.14 0.37
C THR A 328 -1.64 -16.23 -0.13
N VAL A 329 -0.47 -16.29 0.53
CA VAL A 329 0.69 -15.47 0.25
C VAL A 329 1.75 -16.31 -0.46
N GLN A 330 2.41 -15.70 -1.46
N GLN A 330 2.38 -15.72 -1.48
CA GLN A 330 3.48 -16.31 -2.23
CA GLN A 330 3.48 -16.37 -2.18
C GLN A 330 4.82 -15.87 -1.63
C GLN A 330 4.80 -15.87 -1.60
N ALA A 331 5.49 -16.78 -0.92
CA ALA A 331 6.74 -16.47 -0.24
C ALA A 331 7.93 -16.74 -1.17
N THR A 332 9.13 -16.92 -0.63
CA THR A 332 10.31 -17.14 -1.46
C THR A 332 10.21 -18.47 -2.20
N GLY A 333 10.75 -18.50 -3.43
CA GLY A 333 10.87 -19.70 -4.23
C GLY A 333 9.52 -20.33 -4.58
N GLY A 334 8.46 -19.51 -4.62
CA GLY A 334 7.15 -19.97 -5.04
C GLY A 334 6.40 -20.73 -3.93
N GLN A 335 6.97 -20.78 -2.70
CA GLN A 335 6.28 -21.43 -1.59
C GLN A 335 4.99 -20.67 -1.26
N LEU A 336 3.88 -21.38 -1.01
CA LEU A 336 2.61 -20.73 -0.68
C LEU A 336 2.29 -20.95 0.79
N LEU A 337 1.80 -19.91 1.46
CA LEU A 337 1.34 -20.04 2.84
C LEU A 337 -0.05 -19.42 2.99
N SER A 338 -0.90 -19.99 3.84
CA SER A 338 -2.23 -19.43 4.00
C SER A 338 -2.55 -19.11 5.46
N ARG A 339 -3.47 -18.14 5.65
CA ARG A 339 -4.07 -17.81 6.94
C ARG A 339 -5.58 -17.65 6.78
N GLN A 340 -6.34 -18.38 7.63
CA GLN A 340 -7.77 -18.18 7.78
CA GLN A 340 -7.78 -18.18 7.77
C GLN A 340 -8.02 -17.32 9.02
N GLN A 341 -8.79 -16.23 8.86
CA GLN A 341 -9.07 -15.34 9.98
C GLN A 341 -10.19 -14.38 9.57
N LEU A 342 -10.85 -13.74 10.54
CA LEU A 342 -11.80 -12.70 10.19
C LEU A 342 -11.05 -11.54 9.54
N PRO A 343 -11.56 -10.91 8.45
CA PRO A 343 -10.89 -9.77 7.82
C PRO A 343 -11.08 -8.44 8.56
N LEU A 344 -10.70 -8.41 9.84
CA LEU A 344 -10.80 -7.21 10.68
C LEU A 344 -9.49 -6.93 11.40
N GLN A 345 -9.16 -5.64 11.53
N GLN A 345 -9.20 -5.64 11.58
CA GLN A 345 -8.09 -5.15 12.40
CA GLN A 345 -8.13 -5.20 12.44
C GLN A 345 -8.68 -4.07 13.31
C GLN A 345 -8.65 -4.05 13.29
N LEU A 346 -8.12 -3.90 14.51
CA LEU A 346 -8.50 -2.78 15.37
C LEU A 346 -8.03 -1.50 14.68
N ALA A 347 -8.80 -0.41 14.83
CA ALA A 347 -8.59 0.74 13.95
C ALA A 347 -8.85 2.06 14.67
N TRP A 348 -8.59 2.12 15.99
CA TRP A 348 -8.45 3.45 16.62
C TRP A 348 -7.20 4.14 16.05
N ALA A 349 -6.26 3.33 15.59
CA ALA A 349 -5.00 3.85 14.99
C ALA A 349 -4.53 2.89 13.90
N MET A 350 -3.68 3.43 13.02
N MET A 350 -3.77 3.43 12.93
CA MET A 350 -3.13 2.76 11.87
CA MET A 350 -3.10 2.64 11.90
C MET A 350 -1.83 3.46 11.47
C MET A 350 -1.85 3.41 11.49
N SER A 351 -0.82 2.70 11.01
CA SER A 351 0.41 3.38 10.57
C SER A 351 0.24 3.95 9.17
N ILE A 352 0.95 5.04 8.86
CA ILE A 352 0.87 5.61 7.52
C ILE A 352 1.40 4.56 6.53
N HIS A 353 2.43 3.80 6.91
CA HIS A 353 2.92 2.77 5.98
C HIS A 353 1.86 1.71 5.63
N LYS A 354 1.03 1.33 6.60
N LYS A 354 1.01 1.37 6.59
CA LYS A 354 0.00 0.35 6.30
CA LYS A 354 -0.01 0.35 6.32
C LYS A 354 -1.15 0.89 5.44
C LYS A 354 -1.16 0.90 5.48
N SER A 355 -1.27 2.22 5.35
CA SER A 355 -2.33 2.86 4.54
C SER A 355 -1.89 3.02 3.09
N GLN A 356 -0.61 2.72 2.81
CA GLN A 356 -0.06 2.88 1.47
C GLN A 356 -0.98 2.27 0.41
N GLY A 357 -1.33 3.09 -0.60
CA GLY A 357 -2.14 2.56 -1.70
C GLY A 357 -3.65 2.46 -1.40
N MET A 358 -4.10 2.71 -0.17
CA MET A 358 -5.49 2.52 0.25
C MET A 358 -6.33 3.77 0.09
N THR A 359 -7.67 3.60 0.02
CA THR A 359 -8.63 4.69 0.19
C THR A 359 -9.23 4.55 1.60
N LEU A 360 -9.29 5.64 2.38
CA LEU A 360 -9.90 5.62 3.72
C LEU A 360 -10.96 6.73 3.81
N ASP A 361 -11.86 6.64 4.81
CA ASP A 361 -12.85 7.71 4.84
C ASP A 361 -13.17 8.22 6.24
N CYS A 362 -12.30 7.97 7.21
CA CYS A 362 -12.59 8.44 8.57
C CYS A 362 -11.23 8.51 9.29
N VAL A 363 -10.47 9.60 9.06
N VAL A 363 -10.48 9.62 9.07
CA VAL A 363 -9.09 9.62 9.49
CA VAL A 363 -9.05 9.71 9.38
C VAL A 363 -8.76 10.96 10.17
C VAL A 363 -8.73 10.99 10.14
N GLU A 364 -7.85 10.86 11.15
CA GLU A 364 -7.34 11.99 11.90
C GLU A 364 -5.83 11.90 11.87
N ILE A 365 -5.15 13.04 11.66
CA ILE A 365 -3.69 13.01 11.74
C ILE A 365 -3.18 14.30 12.37
N SER A 366 -2.11 14.18 13.16
CA SER A 366 -1.48 15.37 13.72
C SER A 366 -0.28 15.74 12.86
N LEU A 367 -0.26 16.96 12.29
CA LEU A 367 0.74 17.31 11.31
C LEU A 367 1.53 18.56 11.71
N GLY A 368 2.09 18.53 12.93
CA GLY A 368 2.82 19.66 13.51
C GLY A 368 4.31 19.40 13.71
N ARG A 369 4.85 18.35 13.06
N ARG A 369 4.86 18.36 13.08
CA ARG A 369 6.21 17.83 13.27
CA ARG A 369 6.25 18.00 13.25
C ARG A 369 6.83 17.69 11.88
C ARG A 369 6.83 17.69 11.88
N VAL A 370 8.16 17.58 11.81
CA VAL A 370 8.81 17.20 10.57
C VAL A 370 8.42 15.76 10.24
N PHE A 371 8.05 15.51 8.98
CA PHE A 371 7.78 14.17 8.51
C PHE A 371 8.79 13.85 7.41
N ALA A 372 8.87 12.57 7.05
CA ALA A 372 9.58 12.09 5.87
C ALA A 372 9.03 12.75 4.62
N SER A 373 9.89 12.97 3.61
CA SER A 373 9.37 13.48 2.34
C SER A 373 8.22 12.61 1.86
N GLY A 374 7.13 13.27 1.44
CA GLY A 374 5.99 12.56 0.87
C GLY A 374 5.04 11.94 1.91
N GLN A 375 5.43 11.89 3.19
CA GLN A 375 4.64 11.11 4.16
C GLN A 375 3.35 11.86 4.57
N ALA A 376 3.43 13.18 4.77
CA ALA A 376 2.25 14.00 5.04
C ALA A 376 1.27 13.91 3.85
N TYR A 377 1.80 13.98 2.62
CA TYR A 377 0.97 13.90 1.44
C TYR A 377 0.28 12.52 1.38
N VAL A 378 1.01 11.44 1.65
CA VAL A 378 0.36 10.11 1.62
C VAL A 378 -0.81 10.06 2.61
N ALA A 379 -0.55 10.50 3.83
CA ALA A 379 -1.57 10.47 4.87
C ALA A 379 -2.82 11.27 4.42
N LEU A 380 -2.62 12.50 3.91
CA LEU A 380 -3.78 13.33 3.58
C LEU A 380 -4.54 12.80 2.36
N SER A 381 -3.81 12.20 1.41
CA SER A 381 -4.37 11.74 0.14
C SER A 381 -5.03 10.38 0.23
N ARG A 382 -5.15 9.78 1.44
CA ARG A 382 -5.93 8.56 1.57
C ARG A 382 -7.44 8.83 1.60
N ALA A 383 -7.85 10.01 2.09
CA ALA A 383 -9.23 10.30 2.41
C ALA A 383 -10.02 10.49 1.12
N ARG A 384 -11.22 9.94 1.11
CA ARG A 384 -12.04 10.05 -0.09
C ARG A 384 -12.55 11.50 -0.19
N SER A 385 -12.76 12.12 0.97
N SER A 385 -12.77 12.12 0.96
CA SER A 385 -13.46 13.39 1.08
CA SER A 385 -13.44 13.40 1.06
C SER A 385 -12.87 14.22 2.21
C SER A 385 -12.85 14.22 2.20
N LEU A 386 -12.83 15.54 2.02
CA LEU A 386 -12.29 16.47 3.01
C LEU A 386 -13.00 16.29 4.34
N GLN A 387 -14.27 15.85 4.29
CA GLN A 387 -15.07 15.78 5.49
C GLN A 387 -14.82 14.51 6.30
N GLY A 388 -14.16 13.51 5.71
CA GLY A 388 -13.74 12.36 6.48
C GLY A 388 -12.32 12.55 7.04
N LEU A 389 -11.79 13.78 6.95
CA LEU A 389 -10.42 14.08 7.37
C LEU A 389 -10.44 15.15 8.47
N ARG A 390 -9.67 14.90 9.54
CA ARG A 390 -9.45 15.91 10.57
C ARG A 390 -7.94 16.05 10.80
N VAL A 391 -7.36 17.18 10.39
CA VAL A 391 -5.94 17.40 10.60
C VAL A 391 -5.76 18.28 11.84
N LEU A 392 -4.96 17.80 12.80
CA LEU A 392 -4.68 18.62 13.97
C LEU A 392 -3.30 19.28 13.86
N ASP A 393 -3.20 20.50 14.38
CA ASP A 393 -1.91 21.18 14.56
C ASP A 393 -1.12 21.32 13.26
N PHE A 394 -1.83 21.47 12.12
CA PHE A 394 -1.19 21.50 10.81
C PHE A 394 -0.18 22.66 10.74
N ASP A 395 1.01 22.35 10.23
CA ASP A 395 2.03 23.36 10.01
C ASP A 395 2.75 22.90 8.74
N PRO A 396 3.01 23.79 7.76
CA PRO A 396 3.74 23.39 6.53
C PRO A 396 5.10 22.72 6.76
N MET A 397 5.66 22.81 7.97
N MET A 397 5.65 22.82 7.98
CA MET A 397 6.92 22.13 8.27
CA MET A 397 6.90 22.13 8.33
C MET A 397 6.75 20.63 8.10
C MET A 397 6.74 20.64 8.10
N ALA A 398 5.50 20.15 8.22
CA ALA A 398 5.21 18.71 8.09
C ALA A 398 5.33 18.25 6.65
N VAL A 399 5.27 19.21 5.73
CA VAL A 399 5.11 18.94 4.30
C VAL A 399 6.48 19.20 3.67
N ARG A 400 7.10 18.12 3.19
N ARG A 400 7.11 18.12 3.21
N ARG A 400 7.17 18.14 3.27
CA ARG A 400 8.47 18.18 2.70
CA ARG A 400 8.47 18.10 2.71
CA ARG A 400 8.49 18.27 2.68
C ARG A 400 8.51 17.38 1.41
C ARG A 400 8.47 17.37 1.38
C ARG A 400 8.55 17.40 1.43
N CYS A 401 9.10 17.97 0.36
CA CYS A 401 9.45 17.23 -0.84
C CYS A 401 10.96 17.22 -0.99
N ASP A 402 11.50 16.04 -1.21
CA ASP A 402 12.92 15.86 -1.43
C ASP A 402 13.30 16.59 -2.72
N PRO A 403 14.30 17.50 -2.69
CA PRO A 403 14.70 18.20 -3.92
C PRO A 403 15.12 17.32 -5.10
N ARG A 404 15.63 16.12 -4.80
CA ARG A 404 16.05 15.13 -5.79
C ARG A 404 14.83 14.73 -6.60
N VAL A 405 13.69 14.60 -5.95
CA VAL A 405 12.48 14.17 -6.64
C VAL A 405 11.89 15.30 -7.51
N LEU A 406 11.87 16.54 -6.98
CA LEU A 406 11.43 17.66 -7.82
C LEU A 406 12.29 17.79 -9.08
N HIS A 407 13.61 17.58 -8.92
CA HIS A 407 14.54 17.65 -10.04
C HIS A 407 14.30 16.51 -11.05
N PHE A 408 14.10 15.28 -10.53
CA PHE A 408 13.69 14.17 -11.38
C PHE A 408 12.46 14.51 -12.24
N TYR A 409 11.39 15.01 -11.60
CA TYR A 409 10.13 15.26 -12.30
C TYR A 409 10.31 16.36 -13.36
N ALA A 410 11.13 17.38 -13.04
CA ALA A 410 11.36 18.49 -13.94
C ALA A 410 12.15 18.01 -15.16
N THR A 411 13.12 17.12 -14.93
CA THR A 411 13.86 16.57 -16.05
C THR A 411 12.96 15.71 -16.92
N LEU A 412 12.11 14.89 -16.27
CA LEU A 412 11.21 14.00 -16.97
C LEU A 412 10.27 14.75 -17.93
N ARG A 413 9.78 15.92 -17.53
N ARG A 413 9.86 15.95 -17.53
CA ARG A 413 8.79 16.65 -18.31
CA ARG A 413 8.84 16.69 -18.24
C ARG A 413 9.45 17.64 -19.28
C ARG A 413 9.45 17.60 -19.32
N ARG A 414 10.78 17.68 -19.35
CA ARG A 414 11.50 18.74 -20.06
CA ARG A 414 11.50 18.73 -20.06
C ARG A 414 11.01 18.86 -21.50
N GLY A 415 10.87 17.74 -22.18
CA GLY A 415 10.41 17.79 -23.57
C GLY A 415 8.88 17.68 -23.78
N ARG A 416 8.06 17.71 -22.72
N ARG A 416 8.06 17.70 -22.71
CA ARG A 416 6.65 17.40 -22.90
CA ARG A 416 6.64 17.41 -22.84
C ARG A 416 5.83 18.66 -23.21
C ARG A 416 5.85 18.66 -23.23
N SER A 417 4.66 18.45 -23.83
CA SER A 417 3.77 19.54 -24.22
C SER A 417 3.26 20.35 -23.04
N LEU A 418 2.84 19.66 -21.96
CA LEU A 418 2.33 20.27 -20.72
C LEU A 418 2.97 19.60 -19.48
PG ANP B . -2.08 5.51 -4.80
O1G ANP B . -2.58 5.98 -3.48
O2G ANP B . -1.55 4.10 -4.67
O3G ANP B . -1.06 6.39 -5.49
PB ANP B . -3.40 4.80 -7.32
O1B ANP B . -2.88 3.41 -7.37
O2B ANP B . -2.91 5.74 -8.39
N3B ANP B . -3.43 5.38 -5.78
PA ANP B . -5.93 3.34 -7.41
O1A ANP B . -5.89 3.11 -5.93
O2A ANP B . -5.57 2.26 -8.37
O3A ANP B . -4.96 4.63 -7.61
O5' ANP B . -7.35 3.97 -7.86
C5' ANP B . -8.02 4.99 -7.10
C4' ANP B . -9.48 4.96 -7.47
O4' ANP B . -9.66 5.37 -8.86
C3' ANP B . -10.11 3.56 -7.38
O3' ANP B . -11.34 3.68 -6.66
C2' ANP B . -10.34 3.16 -8.83
O2' ANP B . -11.52 2.43 -9.04
C1' ANP B . -10.57 4.51 -9.49
N9 ANP B . -10.33 4.49 -10.93
C8 ANP B . -9.16 4.07 -11.59
N7 ANP B . -9.24 4.23 -12.90
C5 ANP B . -10.52 4.72 -13.12
C6 ANP B . -11.22 5.07 -14.30
N6 ANP B . -10.73 4.91 -15.52
N1 ANP B . -12.48 5.56 -14.16
C2 ANP B . -12.99 5.70 -12.93
N3 ANP B . -12.43 5.40 -11.75
C4 ANP B . -11.19 4.90 -11.92
MG MG C . -1.73 2.43 -5.81
N1 O0J D . -4.20 -0.91 12.77
C4 O0J D . -3.52 -2.85 7.08
C5 O0J D . -3.37 -3.04 8.47
C6 O0J D . -2.48 -4.02 8.91
C7 O0J D . -1.75 -4.77 8.00
C8 O0J D . -4.15 -2.23 9.44
C10 O0J D . -4.43 -1.28 11.43
N O0J D . -1.18 -5.34 5.67
C O0J D . 0.47 -6.76 4.58
O O0J D . 0.59 -6.09 6.88
C1 O0J D . -0.04 -6.06 5.81
C2 O0J D . -1.90 -4.58 6.63
C3 O0J D . -2.79 -3.60 6.19
C9 O0J D . -5.39 -1.71 9.24
N2 O0J D . -3.61 -1.98 10.69
S O0J D . -5.93 -0.84 10.66
NA NA E . 0.55 -7.98 8.88
#